data_8SJX
#
_entry.id   8SJX
#
_cell.length_a   65.500
_cell.length_b   65.500
_cell.length_c   200.000
_cell.angle_alpha   90.000
_cell.angle_beta   90.000
_cell.angle_gamma   90.000
#
_symmetry.space_group_name_H-M   'P 4 2 2'
#
loop_
_entity.id
_entity.type
_entity.pdbx_description
1 polymer 'Lens fiber major intrinsic protein'
2 non-polymer '[(E,2S,3R)-2-(hexadecanoylamino)-3-oxidanyl-octadec-4-enyl] 2-(trimethylazaniumyl)ethyl phosphate'
3 non-polymer CHOLESTEROL
4 water water
#
_entity_poly.entity_id   1
_entity_poly.type   'polypeptide(L)'
_entity_poly.pdbx_seq_one_letter_code
;MWELRSASFWRAIFAEFFATLFYVFFGLGASLRWAPGPLHVLQVALAFGLALATLVQAVGHISGAHVNPAVTFAFLVGSQ
MSLLRAICYVVAQLLGAVAGAAVLYSVTPPAVRGNLALNTLHPGVSVGQATIVEIFLTLQFVLCIFATYDERRNGRLGSV
ALAVGFSLTLGHLFGMYYTGAGMNPARSFAPAILTRNFTNHWVYWVGPVIGAGLGSLLYDFLLFPRLKSVSERLSILKGT
RPSESNGQPEVTGEPVELKTQAL
;
_entity_poly.pdbx_strand_id   A
#
loop_
_chem_comp.id
_chem_comp.type
_chem_comp.name
_chem_comp.formula
CLR non-polymer CHOLESTEROL 'C27 H46 O'
HWP non-polymer '[(E,2S,3R)-2-(hexadecanoylamino)-3-oxidanyl-octadec-4-enyl] 2-(trimethylazaniumyl)ethyl phosphate' 'C39 H79 N2 O6 P'
#
# COMPACT_ATOMS: atom_id res chain seq x y z
N SER A 6 8.70 20.16 15.87
CA SER A 6 7.99 19.98 17.11
C SER A 6 7.80 18.50 17.20
N ALA A 7 6.86 18.13 18.06
CA ALA A 7 6.67 16.75 18.41
C ALA A 7 5.52 16.09 17.64
N SER A 8 4.74 16.87 16.88
CA SER A 8 3.76 16.27 15.99
C SER A 8 4.43 15.53 14.83
N PHE A 9 5.73 15.76 14.63
CA PHE A 9 6.49 15.01 13.63
C PHE A 9 6.58 13.53 14.01
N TRP A 10 7.12 13.25 15.20
CA TRP A 10 7.36 11.87 15.59
C TRP A 10 6.08 11.14 15.94
N ARG A 11 5.06 11.84 16.42
CA ARG A 11 3.75 11.22 16.57
C ARG A 11 3.23 10.70 15.24
N ALA A 12 3.56 11.38 14.14
CA ALA A 12 3.20 10.90 12.81
C ALA A 12 4.11 9.77 12.36
N ILE A 13 5.39 9.82 12.74
CA ILE A 13 6.31 8.74 12.38
C ILE A 13 5.88 7.45 13.02
N PHE A 14 5.47 7.50 14.28
CA PHE A 14 4.92 6.32 14.92
C PHE A 14 3.60 5.92 14.28
N ALA A 15 2.73 6.89 14.02
CA ALA A 15 1.46 6.58 13.37
C ALA A 15 1.68 5.85 12.05
N GLU A 16 2.68 6.28 11.28
CA GLU A 16 3.05 5.55 10.08
C GLU A 16 3.58 4.16 10.42
N PHE A 17 4.44 4.08 11.43
CA PHE A 17 5.03 2.80 11.80
C PHE A 17 3.97 1.82 12.28
N PHE A 18 3.12 2.26 13.20
CA PHE A 18 2.11 1.37 13.77
C PHE A 18 1.06 0.99 12.72
N ALA A 19 0.56 1.98 11.97
CA ALA A 19 -0.48 1.69 10.99
C ALA A 19 0.05 0.77 9.88
N THR A 20 1.28 1.01 9.41
CA THR A 20 1.87 0.11 8.42
C THR A 20 2.08 -1.28 9.01
N LEU A 21 2.43 -1.35 10.30
CA LEU A 21 2.52 -2.65 10.97
C LEU A 21 1.19 -3.38 10.91
N PHE A 22 0.11 -2.71 11.33
CA PHE A 22 -1.21 -3.33 11.28
C PHE A 22 -1.66 -3.56 9.85
N TYR A 23 -1.33 -2.63 8.95
CA TYR A 23 -1.72 -2.78 7.54
C TYR A 23 -1.13 -4.06 6.95
N VAL A 24 0.16 -4.30 7.19
CA VAL A 24 0.78 -5.53 6.72
C VAL A 24 0.24 -6.72 7.51
N PHE A 25 0.14 -6.58 8.83
CA PHE A 25 -0.31 -7.69 9.67
C PHE A 25 -1.69 -8.17 9.25
N PHE A 26 -2.65 -7.26 9.15
CA PHE A 26 -4.01 -7.66 8.78
C PHE A 26 -4.14 -7.94 7.29
N GLY A 27 -3.44 -7.18 6.46
CA GLY A 27 -3.48 -7.39 5.02
C GLY A 27 -2.84 -8.71 4.62
N LEU A 28 -1.56 -8.88 4.93
CA LEU A 28 -0.88 -10.13 4.62
C LEU A 28 -1.54 -11.31 5.31
N GLY A 29 -2.03 -11.10 6.54
CA GLY A 29 -2.65 -12.19 7.27
C GLY A 29 -3.89 -12.73 6.59
N ALA A 30 -4.74 -11.84 6.10
CA ALA A 30 -5.92 -12.28 5.35
C ALA A 30 -5.55 -12.79 3.96
N SER A 31 -4.38 -12.43 3.45
CA SER A 31 -3.90 -12.95 2.18
C SER A 31 -3.26 -14.32 2.30
N LEU A 32 -3.13 -14.85 3.52
CA LEU A 32 -2.59 -16.18 3.72
C LEU A 32 -3.65 -17.22 3.38
N ARG A 33 -3.26 -18.20 2.57
CA ARG A 33 -4.20 -19.21 2.09
C ARG A 33 -4.37 -20.30 3.14
N TRP A 34 -5.53 -20.33 3.79
CA TRP A 34 -5.92 -21.42 4.66
C TRP A 34 -6.63 -22.53 3.90
N ALA A 35 -6.66 -22.45 2.56
CA ALA A 35 -7.35 -23.40 1.69
C ALA A 35 -6.58 -23.54 0.38
N PRO A 36 -6.56 -24.74 -0.20
CA PRO A 36 -5.94 -24.88 -1.53
C PRO A 36 -6.69 -24.11 -2.61
N GLY A 37 -8.02 -24.20 -2.65
CA GLY A 37 -8.79 -23.22 -3.39
C GLY A 37 -9.84 -22.57 -2.54
N PRO A 38 -9.61 -21.30 -2.16
CA PRO A 38 -10.61 -20.55 -1.38
C PRO A 38 -11.43 -19.56 -2.21
N LEU A 39 -11.02 -19.30 -3.45
CA LEU A 39 -11.53 -18.18 -4.23
C LEU A 39 -11.51 -16.89 -3.40
N HIS A 40 -10.31 -16.57 -2.92
CA HIS A 40 -10.11 -15.58 -1.87
C HIS A 40 -9.85 -14.17 -2.40
N VAL A 41 -9.97 -13.95 -3.71
CA VAL A 41 -9.57 -12.65 -4.27
C VAL A 41 -10.41 -11.53 -3.69
N LEU A 42 -11.74 -11.69 -3.71
CA LEU A 42 -12.61 -10.67 -3.13
C LEU A 42 -12.38 -10.52 -1.64
N GLN A 43 -12.23 -11.64 -0.93
CA GLN A 43 -11.99 -11.61 0.50
C GLN A 43 -10.70 -10.88 0.83
N VAL A 44 -9.63 -11.19 0.11
CA VAL A 44 -8.35 -10.54 0.35
C VAL A 44 -8.40 -9.07 -0.07
N ALA A 45 -9.06 -8.78 -1.19
CA ALA A 45 -9.14 -7.40 -1.67
C ALA A 45 -9.85 -6.51 -0.67
N LEU A 46 -10.95 -6.98 -0.11
CA LEU A 46 -11.65 -6.19 0.90
C LEU A 46 -10.83 -6.06 2.17
N ALA A 47 -10.03 -7.08 2.51
CA ALA A 47 -9.20 -7.01 3.71
C ALA A 47 -8.23 -5.83 3.65
N PHE A 48 -7.47 -5.73 2.57
CA PHE A 48 -6.56 -4.60 2.42
C PHE A 48 -7.31 -3.28 2.44
N GLY A 49 -8.41 -3.20 1.70
CA GLY A 49 -9.16 -1.96 1.63
C GLY A 49 -9.74 -1.53 2.97
N LEU A 50 -10.36 -2.48 3.67
CA LEU A 50 -10.88 -2.15 5.00
C LEU A 50 -9.77 -1.91 6.00
N ALA A 51 -8.65 -2.63 5.87
CA ALA A 51 -7.49 -2.32 6.70
C ALA A 51 -7.02 -0.89 6.48
N LEU A 52 -6.92 -0.47 5.21
CA LEU A 52 -6.56 0.91 4.93
C LEU A 52 -7.62 1.86 5.45
N ALA A 53 -8.90 1.55 5.23
CA ALA A 53 -9.96 2.44 5.67
C ALA A 53 -9.96 2.60 7.18
N THR A 54 -9.77 1.50 7.92
CA THR A 54 -9.71 1.58 9.37
C THR A 54 -8.53 2.42 9.82
N LEU A 55 -7.36 2.20 9.22
CA LEU A 55 -6.16 2.93 9.63
C LEU A 55 -6.23 4.40 9.24
N VAL A 56 -6.76 4.70 8.05
CA VAL A 56 -6.94 6.10 7.66
C VAL A 56 -7.86 6.81 8.64
N GLN A 57 -8.93 6.13 9.05
CA GLN A 57 -9.79 6.68 10.08
C GLN A 57 -9.04 6.82 11.41
N ALA A 58 -8.03 5.97 11.64
CA ALA A 58 -7.32 5.99 12.92
C ALA A 58 -6.21 7.05 12.93
N VAL A 59 -5.32 7.00 11.95
CA VAL A 59 -4.12 7.85 11.97
C VAL A 59 -4.08 8.79 10.77
N GLY A 60 -5.22 9.04 10.14
CA GLY A 60 -5.24 9.98 9.02
C GLY A 60 -4.94 11.40 9.46
N HIS A 61 -5.56 11.84 10.56
CA HIS A 61 -5.33 13.21 11.04
C HIS A 61 -3.91 13.42 11.55
N ILE A 62 -3.17 12.35 11.82
CA ILE A 62 -1.84 12.45 12.42
C ILE A 62 -0.78 12.48 11.33
N SER A 63 -0.69 11.40 10.55
CA SER A 63 0.35 11.25 9.54
C SER A 63 -0.18 11.24 8.11
N GLY A 64 -1.50 11.17 7.93
CA GLY A 64 -2.07 10.95 6.62
C GLY A 64 -2.28 9.49 6.28
N ALA A 65 -1.78 8.58 7.11
CA ALA A 65 -1.98 7.14 6.95
C ALA A 65 -1.55 6.67 5.56
N HIS A 66 -0.38 7.15 5.13
CA HIS A 66 0.15 6.73 3.84
C HIS A 66 0.38 5.23 3.80
N VAL A 67 1.01 4.69 4.85
CA VAL A 67 1.42 3.29 5.01
C VAL A 67 1.89 2.71 3.68
N ASN A 68 2.48 3.54 2.84
CA ASN A 68 2.86 3.15 1.50
C ASN A 68 3.98 4.04 0.98
N PRO A 69 5.18 3.49 0.72
CA PRO A 69 6.26 4.33 0.19
C PRO A 69 5.86 5.04 -1.09
N ALA A 70 5.09 4.39 -1.96
CA ALA A 70 4.62 5.07 -3.17
C ALA A 70 3.73 6.25 -2.82
N VAL A 71 2.82 6.07 -1.87
CA VAL A 71 1.92 7.17 -1.48
C VAL A 71 2.72 8.33 -0.91
N THR A 72 3.70 8.04 -0.05
CA THR A 72 4.58 9.09 0.45
C THR A 72 5.35 9.74 -0.69
N PHE A 73 5.84 8.93 -1.63
CA PHE A 73 6.55 9.47 -2.77
C PHE A 73 5.65 10.39 -3.60
N ALA A 74 4.37 10.05 -3.73
CA ALA A 74 3.44 10.90 -4.47
C ALA A 74 3.29 12.26 -3.82
N PHE A 75 3.12 12.30 -2.49
CA PHE A 75 3.03 13.58 -1.79
C PHE A 75 4.36 14.32 -1.84
N LEU A 76 5.47 13.60 -1.82
CA LEU A 76 6.77 14.23 -2.00
C LEU A 76 6.87 14.90 -3.37
N VAL A 77 6.36 14.22 -4.40
CA VAL A 77 6.31 14.81 -5.73
C VAL A 77 5.29 15.94 -5.79
N GLY A 78 4.16 15.76 -5.11
CA GLY A 78 3.14 16.79 -5.05
C GLY A 78 3.47 18.02 -4.23
N SER A 79 4.71 18.15 -3.76
CA SER A 79 5.15 19.33 -3.00
C SER A 79 4.25 19.60 -1.79
N GLN A 80 3.89 18.53 -1.09
CA GLN A 80 3.13 18.63 0.16
C GLN A 80 3.85 17.96 1.32
N MET A 81 5.07 17.47 1.11
CA MET A 81 5.82 16.79 2.16
C MET A 81 7.27 17.23 2.09
N SER A 82 7.84 17.56 3.24
CA SER A 82 9.28 17.75 3.32
C SER A 82 9.98 16.46 2.97
N LEU A 83 11.13 16.59 2.31
CA LEU A 83 11.86 15.40 1.89
C LEU A 83 12.30 14.56 3.09
N LEU A 84 12.86 15.20 4.10
CA LEU A 84 13.30 14.49 5.29
C LEU A 84 12.15 13.70 5.90
N ARG A 85 11.00 14.34 6.05
CA ARG A 85 9.84 13.63 6.57
C ARG A 85 9.41 12.51 5.64
N ALA A 86 9.51 12.72 4.32
CA ALA A 86 9.18 11.67 3.36
C ALA A 86 10.10 10.47 3.53
N ILE A 87 11.41 10.71 3.66
CA ILE A 87 12.34 9.64 3.98
C ILE A 87 11.95 8.97 5.30
N CYS A 88 11.65 9.77 6.32
CA CYS A 88 11.30 9.25 7.63
C CYS A 88 10.03 8.41 7.57
N TYR A 89 9.07 8.79 6.72
CA TYR A 89 7.89 7.94 6.53
C TYR A 89 8.26 6.62 5.88
N VAL A 90 9.11 6.65 4.84
CA VAL A 90 9.43 5.45 4.10
C VAL A 90 10.18 4.46 4.99
N VAL A 91 11.16 4.94 5.75
CA VAL A 91 11.89 4.05 6.65
C VAL A 91 10.97 3.53 7.75
N ALA A 92 10.04 4.36 8.23
CA ALA A 92 9.07 3.91 9.23
C ALA A 92 8.09 2.91 8.63
N GLN A 93 7.62 3.16 7.40
CA GLN A 93 6.72 2.24 6.75
C GLN A 93 7.39 0.90 6.48
N LEU A 94 8.63 0.94 5.99
CA LEU A 94 9.36 -0.32 5.76
C LEU A 94 9.66 -1.03 7.07
N LEU A 95 10.02 -0.26 8.11
CA LEU A 95 10.20 -0.87 9.43
C LEU A 95 8.89 -1.40 9.96
N GLY A 96 7.80 -0.64 9.80
CA GLY A 96 6.50 -1.13 10.22
C GLY A 96 6.06 -2.36 9.44
N ALA A 97 6.33 -2.38 8.13
CA ALA A 97 5.94 -3.52 7.31
C ALA A 97 6.63 -4.80 7.78
N VAL A 98 7.94 -4.74 7.98
CA VAL A 98 8.67 -5.91 8.45
C VAL A 98 8.18 -6.32 9.84
N ALA A 99 7.97 -5.34 10.72
CA ALA A 99 7.48 -5.64 12.06
C ALA A 99 6.12 -6.31 12.01
N GLY A 100 5.21 -5.80 11.18
CA GLY A 100 3.90 -6.41 11.05
C GLY A 100 3.98 -7.83 10.50
N ALA A 101 4.81 -8.04 9.47
CA ALA A 101 4.96 -9.38 8.90
C ALA A 101 5.71 -10.30 9.86
N ALA A 102 6.59 -9.76 10.69
CA ALA A 102 7.27 -10.58 11.69
C ALA A 102 6.31 -11.05 12.77
N VAL A 103 5.45 -10.14 13.25
CA VAL A 103 4.43 -10.54 14.23
C VAL A 103 3.47 -11.54 13.60
N LEU A 104 3.06 -11.28 12.36
CA LEU A 104 2.20 -12.23 11.64
C LEU A 104 2.87 -13.60 11.55
N TYR A 105 4.18 -13.63 11.33
CA TYR A 105 4.91 -14.89 11.28
C TYR A 105 4.80 -15.64 12.60
N SER A 106 4.92 -14.93 13.72
CA SER A 106 4.89 -15.58 15.02
C SER A 106 3.52 -16.16 15.33
N VAL A 107 2.45 -15.43 15.01
CA VAL A 107 1.11 -15.84 15.41
C VAL A 107 0.46 -16.81 14.45
N THR A 108 1.06 -17.04 13.29
CA THR A 108 0.46 -17.87 12.26
C THR A 108 1.18 -19.20 12.15
N PRO A 109 0.46 -20.32 12.13
CA PRO A 109 1.12 -21.62 12.01
C PRO A 109 1.87 -21.73 10.71
N PRO A 110 3.01 -22.44 10.70
CA PRO A 110 3.80 -22.54 9.47
C PRO A 110 3.07 -23.20 8.31
N ALA A 111 2.10 -24.08 8.57
CA ALA A 111 1.40 -24.75 7.49
C ALA A 111 0.58 -23.79 6.65
N VAL A 112 0.11 -22.69 7.25
CA VAL A 112 -0.61 -21.65 6.53
C VAL A 112 0.20 -20.38 6.36
N ARG A 113 1.37 -20.28 7.01
CA ARG A 113 2.22 -19.11 6.84
C ARG A 113 2.67 -18.96 5.39
N GLY A 114 3.15 -20.06 4.79
CA GLY A 114 3.54 -20.03 3.39
C GLY A 114 4.67 -19.08 3.12
N ASN A 115 4.55 -18.34 2.02
CA ASN A 115 5.51 -17.32 1.65
C ASN A 115 5.19 -15.97 2.28
N LEU A 116 4.29 -15.95 3.27
CA LEU A 116 3.84 -14.72 3.91
C LEU A 116 3.21 -13.76 2.91
N ALA A 117 2.47 -14.33 1.96
CA ALA A 117 1.79 -13.57 0.90
C ALA A 117 2.79 -12.73 0.11
N LEU A 118 3.78 -13.41 -0.45
CA LEU A 118 4.82 -12.73 -1.23
C LEU A 118 4.26 -12.31 -2.57
N ASN A 119 4.31 -11.01 -2.87
CA ASN A 119 3.92 -10.52 -4.19
C ASN A 119 4.79 -11.18 -5.24
N THR A 120 4.20 -12.03 -6.07
CA THR A 120 4.94 -12.76 -7.09
C THR A 120 4.22 -12.63 -8.42
N LEU A 121 5.00 -12.48 -9.49
CA LEU A 121 4.43 -12.32 -10.81
C LEU A 121 3.65 -13.57 -11.23
N HIS A 122 2.50 -13.36 -11.85
CA HIS A 122 1.75 -14.48 -12.40
C HIS A 122 2.55 -15.16 -13.50
N PRO A 123 2.46 -16.50 -13.62
CA PRO A 123 3.28 -17.23 -14.60
C PRO A 123 3.42 -16.60 -15.98
N GLY A 124 2.32 -16.15 -16.57
CA GLY A 124 2.39 -15.56 -17.90
C GLY A 124 2.62 -14.07 -17.96
N VAL A 125 2.75 -13.42 -16.80
CA VAL A 125 2.90 -11.97 -16.74
C VAL A 125 4.39 -11.62 -16.76
N SER A 126 4.81 -10.87 -17.76
CA SER A 126 6.19 -10.43 -17.87
C SER A 126 6.46 -9.30 -16.88
N VAL A 127 7.75 -9.05 -16.64
CA VAL A 127 8.14 -7.98 -15.74
C VAL A 127 7.71 -6.63 -16.28
N GLY A 128 7.72 -6.46 -17.60
CA GLY A 128 7.19 -5.24 -18.18
C GLY A 128 5.68 -5.12 -18.01
N GLN A 129 4.96 -6.22 -18.28
CA GLN A 129 3.53 -6.22 -18.03
C GLN A 129 3.23 -6.06 -16.54
N ALA A 130 4.02 -6.72 -15.69
CA ALA A 130 3.87 -6.56 -14.25
C ALA A 130 4.11 -5.12 -13.84
N THR A 131 5.13 -4.48 -14.42
CA THR A 131 5.40 -3.09 -14.08
C THR A 131 4.24 -2.19 -14.47
N ILE A 132 3.73 -2.35 -15.70
CA ILE A 132 2.64 -1.49 -16.17
C ILE A 132 1.41 -1.66 -15.29
N VAL A 133 1.07 -2.90 -14.95
CA VAL A 133 -0.10 -3.14 -14.10
C VAL A 133 0.08 -2.47 -12.74
N GLU A 134 1.26 -2.64 -12.13
CA GLU A 134 1.53 -1.99 -10.85
C GLU A 134 1.52 -0.48 -10.97
N ILE A 135 1.89 0.05 -12.14
CA ILE A 135 1.79 1.49 -12.37
C ILE A 135 0.32 1.93 -12.34
N PHE A 136 -0.54 1.21 -13.07
CA PHE A 136 -1.94 1.59 -13.11
C PHE A 136 -2.64 1.31 -11.78
N LEU A 137 -2.26 0.22 -11.10
CA LEU A 137 -2.85 -0.07 -9.79
C LEU A 137 -2.58 1.06 -8.81
N THR A 138 -1.37 1.61 -8.85
CA THR A 138 -0.99 2.67 -7.92
C THR A 138 -1.36 4.05 -8.44
N LEU A 139 -1.50 4.21 -9.76
CA LEU A 139 -1.89 5.50 -10.32
C LEU A 139 -3.29 5.89 -9.87
N GLN A 140 -4.28 5.05 -10.15
CA GLN A 140 -5.64 5.33 -9.73
C GLN A 140 -5.74 5.45 -8.22
N PHE A 141 -5.02 4.59 -7.50
CA PHE A 141 -5.03 4.63 -6.05
C PHE A 141 -4.50 5.96 -5.53
N VAL A 142 -3.35 6.39 -6.06
CA VAL A 142 -2.81 7.70 -5.68
C VAL A 142 -3.74 8.81 -6.13
N LEU A 143 -4.28 8.70 -7.34
CA LEU A 143 -5.22 9.71 -7.84
C LEU A 143 -6.43 9.82 -6.92
N CYS A 144 -6.94 8.68 -6.44
CA CYS A 144 -8.05 8.71 -5.50
C CYS A 144 -7.64 9.33 -4.18
N ILE A 145 -6.41 9.07 -3.73
CA ILE A 145 -5.93 9.65 -2.47
C ILE A 145 -5.82 11.17 -2.60
N PHE A 146 -5.20 11.64 -3.68
CA PHE A 146 -4.96 13.08 -3.84
C PHE A 146 -6.27 13.84 -3.91
N ALA A 147 -7.26 13.30 -4.62
CA ALA A 147 -8.57 13.95 -4.68
C ALA A 147 -9.24 13.97 -3.31
N THR A 148 -9.20 12.85 -2.59
CA THR A 148 -9.84 12.79 -1.28
C THR A 148 -9.12 13.67 -0.27
N TYR A 149 -7.80 13.77 -0.37
CA TYR A 149 -7.01 14.57 0.56
C TYR A 149 -6.85 16.01 0.09
N ASP A 150 -7.48 16.37 -1.03
CA ASP A 150 -7.42 17.73 -1.53
C ASP A 150 -8.23 18.64 -0.60
N GLU A 151 -7.57 19.62 0.00
CA GLU A 151 -8.25 20.55 0.89
C GLU A 151 -9.48 21.16 0.23
N ARG A 152 -9.33 21.63 -1.00
CA ARG A 152 -10.48 22.13 -1.75
C ARG A 152 -11.33 20.95 -2.20
N ARG A 153 -12.33 20.60 -1.39
CA ARG A 153 -13.23 19.49 -1.68
C ARG A 153 -14.67 19.95 -1.47
N ASN A 154 -15.01 21.07 -2.11
CA ASN A 154 -16.28 21.77 -1.90
C ASN A 154 -17.48 20.84 -1.83
N GLY A 155 -17.67 20.00 -2.84
CA GLY A 155 -18.76 19.05 -2.84
C GLY A 155 -18.79 18.19 -1.60
N ARG A 156 -19.96 18.07 -0.98
CA ARG A 156 -20.08 17.36 0.30
C ARG A 156 -20.32 15.87 0.02
N LEU A 157 -19.36 15.06 0.44
CA LEU A 157 -19.39 13.61 0.23
C LEU A 157 -19.18 12.93 1.58
N GLY A 158 -18.94 11.62 1.55
CA GLY A 158 -18.73 10.87 2.77
C GLY A 158 -17.28 10.80 3.25
N SER A 159 -16.84 9.59 3.58
CA SER A 159 -15.56 9.39 4.23
C SER A 159 -14.44 9.22 3.21
N VAL A 160 -13.32 9.93 3.44
CA VAL A 160 -12.15 9.73 2.61
C VAL A 160 -11.51 8.38 2.90
N ALA A 161 -11.67 7.86 4.11
CA ALA A 161 -11.13 6.55 4.45
C ALA A 161 -11.82 5.46 3.63
N LEU A 162 -13.15 5.52 3.56
CA LEU A 162 -13.90 4.53 2.79
C LEU A 162 -13.58 4.64 1.30
N ALA A 163 -13.22 5.83 0.83
CA ALA A 163 -12.90 6.00 -0.58
C ALA A 163 -11.56 5.35 -0.92
N VAL A 164 -10.48 5.78 -0.24
CA VAL A 164 -9.16 5.26 -0.56
C VAL A 164 -9.06 3.77 -0.24
N GLY A 165 -9.82 3.29 0.74
CA GLY A 165 -9.86 1.85 0.99
C GLY A 165 -10.50 1.09 -0.16
N PHE A 166 -11.62 1.60 -0.68
CA PHE A 166 -12.26 0.95 -1.82
C PHE A 166 -11.42 1.06 -3.08
N SER A 167 -10.63 2.14 -3.21
CA SER A 167 -9.67 2.20 -4.31
C SER A 167 -8.62 1.11 -4.18
N LEU A 168 -8.16 0.85 -2.97
CA LEU A 168 -7.20 -0.23 -2.75
C LEU A 168 -7.83 -1.59 -3.04
N THR A 169 -9.10 -1.78 -2.66
CA THR A 169 -9.80 -3.01 -3.00
C THR A 169 -9.91 -3.16 -4.51
N LEU A 170 -10.20 -2.07 -5.22
CA LEU A 170 -10.27 -2.11 -6.67
C LEU A 170 -8.95 -2.62 -7.28
N GLY A 171 -7.82 -2.10 -6.77
CA GLY A 171 -6.54 -2.54 -7.28
C GLY A 171 -6.28 -4.03 -7.01
N HIS A 172 -6.73 -4.52 -5.86
CA HIS A 172 -6.56 -5.93 -5.57
C HIS A 172 -7.55 -6.80 -6.33
N LEU A 173 -8.76 -6.31 -6.58
CA LEU A 173 -9.70 -7.05 -7.40
C LEU A 173 -9.17 -7.29 -8.80
N PHE A 174 -8.30 -6.39 -9.27
CA PHE A 174 -7.69 -6.49 -10.60
C PHE A 174 -6.27 -7.05 -10.54
N GLY A 175 -5.41 -6.45 -9.72
CA GLY A 175 -3.99 -6.73 -9.79
C GLY A 175 -3.53 -7.99 -9.07
N MET A 176 -4.36 -8.56 -8.21
CA MET A 176 -3.95 -9.76 -7.49
C MET A 176 -3.65 -10.90 -8.45
N TYR A 177 -4.44 -11.02 -9.52
CA TYR A 177 -4.19 -12.06 -10.51
C TYR A 177 -2.88 -11.79 -11.25
N TYR A 178 -2.57 -10.52 -11.50
CA TYR A 178 -1.38 -10.17 -12.28
C TYR A 178 -0.11 -10.27 -11.45
N THR A 179 -0.02 -9.47 -10.39
CA THR A 179 1.21 -9.38 -9.60
C THR A 179 0.97 -9.62 -8.11
N GLY A 180 -0.20 -10.12 -7.72
CA GLY A 180 -0.57 -10.13 -6.33
C GLY A 180 -1.05 -8.79 -5.81
N ALA A 181 -1.17 -7.79 -6.68
CA ALA A 181 -1.61 -6.44 -6.31
C ALA A 181 -0.69 -5.84 -5.23
N GLY A 182 0.59 -5.76 -5.58
CA GLY A 182 1.56 -5.15 -4.70
C GLY A 182 1.76 -3.68 -4.98
N MET A 183 0.71 -2.89 -4.79
CA MET A 183 0.81 -1.44 -5.01
C MET A 183 1.35 -0.72 -3.81
N ASN A 184 2.08 -1.45 -2.97
CA ASN A 184 2.70 -0.92 -1.77
C ASN A 184 4.10 -1.52 -1.63
N PRO A 185 5.15 -0.74 -1.92
CA PRO A 185 6.52 -1.29 -1.77
C PRO A 185 6.79 -1.84 -0.38
N ALA A 186 6.29 -1.19 0.67
CA ALA A 186 6.48 -1.70 2.02
C ALA A 186 5.81 -3.06 2.19
N ARG A 187 4.58 -3.20 1.69
CA ARG A 187 3.87 -4.47 1.78
C ARG A 187 4.62 -5.56 1.02
N SER A 188 5.16 -5.23 -0.15
CA SER A 188 5.94 -6.21 -0.90
C SER A 188 7.29 -6.49 -0.24
N PHE A 189 7.87 -5.48 0.40
CA PHE A 189 9.17 -5.65 1.03
C PHE A 189 9.09 -6.59 2.23
N ALA A 190 8.01 -6.50 3.01
CA ALA A 190 7.95 -7.20 4.29
C ALA A 190 8.11 -8.72 4.17
N PRO A 191 7.38 -9.43 3.29
CA PRO A 191 7.66 -10.87 3.15
C PRO A 191 8.87 -11.16 2.29
N ALA A 192 9.30 -10.24 1.43
CA ALA A 192 10.51 -10.47 0.65
C ALA A 192 11.72 -10.61 1.56
N ILE A 193 11.80 -9.77 2.59
CA ILE A 193 12.94 -9.82 3.51
C ILE A 193 12.83 -10.99 4.48
N LEU A 194 11.62 -11.31 4.95
CA LEU A 194 11.42 -12.35 5.94
C LEU A 194 11.30 -13.74 5.33
N THR A 195 11.31 -13.84 3.99
CA THR A 195 11.37 -15.12 3.31
C THR A 195 12.67 -15.30 2.52
N ARG A 196 13.51 -14.26 2.43
CA ARG A 196 14.74 -14.28 1.63
C ARG A 196 14.42 -14.57 0.17
N ASN A 197 13.46 -13.83 -0.38
CA ASN A 197 13.06 -13.98 -1.79
C ASN A 197 12.83 -12.60 -2.36
N PHE A 198 13.71 -12.17 -3.28
CA PHE A 198 13.60 -10.89 -3.96
C PHE A 198 13.34 -11.05 -5.45
N THR A 199 12.76 -12.17 -5.86
CA THR A 199 12.50 -12.42 -7.27
C THR A 199 11.52 -11.39 -7.83
N ASN A 200 11.96 -10.66 -8.84
CA ASN A 200 11.13 -9.63 -9.48
C ASN A 200 10.63 -8.61 -8.46
N HIS A 201 11.42 -8.37 -7.42
CA HIS A 201 10.98 -7.48 -6.36
C HIS A 201 11.15 -6.00 -6.72
N TRP A 202 12.01 -5.70 -7.69
CA TRP A 202 12.11 -4.33 -8.17
C TRP A 202 10.81 -3.89 -8.85
N VAL A 203 10.06 -4.83 -9.40
CA VAL A 203 8.78 -4.52 -10.03
C VAL A 203 7.86 -3.83 -9.05
N TYR A 204 7.83 -4.33 -7.82
CA TYR A 204 6.95 -3.79 -6.78
C TYR A 204 7.50 -2.52 -6.16
N TRP A 205 8.67 -2.06 -6.59
CA TRP A 205 9.17 -0.74 -6.27
C TRP A 205 9.08 0.21 -7.44
N VAL A 206 9.52 -0.23 -8.62
CA VAL A 206 9.47 0.62 -9.82
C VAL A 206 8.03 0.93 -10.18
N GLY A 207 7.18 -0.10 -10.25
CA GLY A 207 5.80 0.05 -10.67
C GLY A 207 5.02 1.05 -9.82
N PRO A 208 4.89 0.76 -8.53
CA PRO A 208 4.14 1.69 -7.65
C PRO A 208 4.73 3.09 -7.62
N VAL A 209 6.05 3.24 -7.64
CA VAL A 209 6.65 4.57 -7.56
C VAL A 209 6.33 5.38 -8.82
N ILE A 210 6.48 4.77 -9.99
CA ILE A 210 6.10 5.44 -11.23
C ILE A 210 4.61 5.75 -11.22
N GLY A 211 3.79 4.76 -10.85
CA GLY A 211 2.35 4.99 -10.77
C GLY A 211 1.99 6.05 -9.75
N ALA A 212 2.67 6.05 -8.61
CA ALA A 212 2.49 7.15 -7.65
C ALA A 212 2.97 8.47 -8.24
N GLY A 213 4.14 8.46 -8.88
CA GLY A 213 4.62 9.68 -9.51
C GLY A 213 3.70 10.15 -10.62
N LEU A 214 3.32 9.25 -11.51
CA LEU A 214 2.43 9.62 -12.61
C LEU A 214 1.07 10.06 -12.08
N GLY A 215 0.55 9.34 -11.09
CA GLY A 215 -0.73 9.73 -10.49
C GLY A 215 -0.68 11.09 -9.84
N SER A 216 0.44 11.41 -9.18
CA SER A 216 0.57 12.74 -8.58
C SER A 216 0.57 13.82 -9.65
N LEU A 217 1.43 13.66 -10.67
CA LEU A 217 1.51 14.67 -11.73
C LEU A 217 0.22 14.80 -12.50
N LEU A 218 -0.45 13.67 -12.78
CA LEU A 218 -1.72 13.72 -13.48
C LEU A 218 -2.75 14.54 -12.72
N TYR A 219 -2.69 14.53 -11.39
CA TYR A 219 -3.69 15.22 -10.59
C TYR A 219 -3.45 16.72 -10.52
N ASP A 220 -2.29 17.13 -10.02
CA ASP A 220 -2.06 18.53 -9.72
C ASP A 220 -1.63 19.36 -10.92
N PHE A 221 -1.56 18.77 -12.12
CA PHE A 221 -1.33 19.61 -13.29
C PHE A 221 -2.29 19.36 -14.43
N LEU A 222 -2.68 18.12 -14.70
CA LEU A 222 -3.68 17.89 -15.76
C LEU A 222 -5.10 17.93 -15.20
N LEU A 223 -5.27 17.67 -13.89
CA LEU A 223 -6.60 17.68 -13.30
C LEU A 223 -6.87 18.93 -12.46
N PHE A 224 -5.90 19.40 -11.69
CA PHE A 224 -6.11 20.59 -10.85
C PHE A 224 -4.77 21.26 -10.59
N PRO A 225 -4.34 22.16 -11.49
CA PRO A 225 -3.11 22.95 -11.29
C PRO A 225 -3.16 23.80 -10.02
C10 HWP B . 18.91 -3.82 3.76
C13 HWP B . 18.49 -7.17 2.98
C15 HWP B . 19.32 -8.83 1.47
C20 HWP B . 21.58 -12.86 0.44
C26 HWP B . 22.92 -15.59 -2.28
P22 HWP B . 24.00 -13.68 -0.54
C6 HWP B . 17.18 0.54 4.43
C7 HWP B . 18.22 -0.39 4.95
C8 HWP B . 18.42 -1.44 3.89
C9 HWP B . 18.41 -2.75 4.62
C11 HWP B . 18.14 -5.07 4.12
C12 HWP B . 19.10 -6.21 3.96
C14 HWP B . 19.29 -8.44 2.97
C16 HWP B . 19.52 -10.33 1.33
O17 HWP B . 18.66 -11.01 0.80
N18 HWP B . 20.69 -10.92 1.84
C19 HWP B . 21.83 -11.41 1.05
O21 HWP B . 22.41 -13.04 -0.66
O23 HWP B . 24.41 -13.76 0.88
O24 HWP B . 24.88 -13.05 -1.54
O25 HWP B . 23.48 -15.28 -1.11
C27 HWP B . 23.99 -15.47 -3.41
N28 HWP B . 23.65 -16.27 -4.67
C29 HWP B . 23.72 -17.75 -4.36
C30 HWP B . 24.66 -15.94 -5.76
C31 HWP B . 22.27 -15.92 -5.14
C32 HWP B . 22.07 -10.46 -0.14
C33 HWP B . 23.55 -10.14 -0.21
C34 HWP B . 23.85 -8.87 -0.40
C35 HWP B . 22.68 -7.95 -0.54
C36 HWP B . 23.22 -6.58 -0.72
C37 HWP B . 22.14 -5.73 -1.30
C38 HWP B . 22.59 -4.30 -1.26
C39 HWP B . 21.54 -3.45 -1.95
C40 HWP B . 21.74 -2.11 -1.29
C41 HWP B . 20.82 -1.09 -1.91
C42 HWP B . 20.62 -0.03 -0.84
C43 HWP B . 20.00 1.19 -1.45
C44 HWP B . 19.70 2.17 -0.35
C45 HWP B . 19.39 3.53 -0.99
C46 HWP B . 19.03 4.50 0.12
C47 HWP B . 19.11 5.93 -0.40
O48 HWP B . 21.56 -11.00 -1.32
C10 HWP C . 19.91 -7.69 7.49
C13 HWP C . 19.16 -11.21 6.12
C15 HWP C . 19.36 -13.44 4.93
C20 HWP C . 22.87 -16.74 4.40
C26 HWP C . 26.90 -16.91 5.60
P22 HWP C . 25.29 -17.43 3.36
C1 HWP C . 20.83 1.84 13.15
C2 HWP C . 21.50 0.65 12.50
C3 HWP C . 20.44 -0.41 12.18
C4 HWP C . 21.09 -1.60 11.45
C5 HWP C . 20.00 -2.58 11.03
C6 HWP C . 20.61 -3.69 10.17
C7 HWP C . 19.49 -4.59 9.63
C8 HWP C . 20.12 -5.58 8.68
C9 HWP C . 19.12 -6.64 8.26
C11 HWP C . 19.04 -8.92 7.17
C12 HWP C . 19.96 -9.99 6.55
C14 HWP C . 20.14 -12.24 5.53
C16 HWP C . 20.38 -14.46 4.41
O17 HWP C . 20.42 -14.78 3.21
N18 HWP C . 21.26 -15.02 5.32
C19 HWP C . 22.69 -15.33 5.13
O21 HWP C . 23.79 -16.63 3.37
O23 HWP C . 26.22 -16.75 2.44
O24 HWP C . 25.08 -18.89 3.26
O25 HWP C . 25.68 -17.01 5.03
C27 HWP C . 27.15 -18.11 6.55
N28 HWP C . 28.64 -18.35 6.87
C29 HWP C . 29.25 -17.06 7.39
C30 HWP C . 29.37 -18.78 5.62
C31 HWP C . 28.78 -19.44 7.92
C32 HWP C . 23.39 -14.20 4.32
C33 HWP C . 24.80 -14.03 4.86
C34 HWP C . 25.45 -12.90 4.62
C35 HWP C . 24.77 -11.84 3.79
C36 HWP C . 24.66 -10.59 4.64
C37 HWP C . 24.25 -9.41 3.78
C38 HWP C . 23.83 -8.27 4.70
C39 HWP C . 23.78 -6.95 3.93
C40 HWP C . 23.09 -5.90 4.85
C41 HWP C . 23.48 -4.54 4.29
C42 HWP C . 22.63 -3.45 4.84
C43 HWP C . 23.35 -2.17 4.49
C44 HWP C . 22.32 -1.07 4.34
C45 HWP C . 23.05 0.25 4.53
O48 HWP C . 23.36 -14.53 2.95
C10 HWP D . 15.04 -9.01 9.70
C13 HWP D . 15.39 -12.42 7.98
C15 HWP D . 15.32 -14.78 7.21
C20 HWP D . 13.58 -18.60 9.60
C26 HWP D . 13.53 -22.03 5.84
P22 HWP D . 13.03 -19.57 7.11
C1 HWP D . 14.05 1.20 5.65
C2 HWP D . 13.62 0.18 6.68
C3 HWP D . 14.39 -1.12 6.46
C4 HWP D . 13.90 -2.14 7.47
C5 HWP D . 14.88 -3.29 7.53
C6 HWP D . 14.39 -4.29 8.60
C7 HWP D . 15.42 -5.39 8.73
C8 HWP D . 14.83 -6.55 9.53
C9 HWP D . 15.72 -7.74 9.25
C11 HWP D . 15.67 -10.12 8.84
C12 HWP D . 14.95 -11.45 9.07
C14 HWP D . 14.88 -13.82 8.31
C16 HWP D . 15.08 -16.20 7.70
O17 HWP D . 15.41 -17.18 7.01
N18 HWP D . 14.48 -16.36 8.93
C19 HWP D . 13.25 -17.08 9.23
O21 HWP D . 14.02 -19.26 8.48
O23 HWP D . 13.35 -18.62 6.03
O24 HWP D . 11.63 -19.77 7.53
O25 HWP D . 13.81 -21.12 6.80
C27 HWP D . 12.66 -21.38 4.72
N28 HWP D . 12.64 -22.17 3.42
C29 HWP D . 11.84 -21.41 2.38
C30 HWP D . 12.00 -23.52 3.67
C31 HWP D . 14.05 -22.36 2.92
C32 HWP D . 12.54 -16.38 10.41
C33 HWP D . 11.32 -15.69 9.87
C34 HWP D . 10.86 -14.64 10.53
C35 HWP D . 11.57 -14.20 11.78
C36 HWP D . 12.09 -12.81 11.49
C37 HWP D . 12.38 -12.05 12.78
C38 HWP D . 12.84 -10.65 12.40
C39 HWP D . 12.53 -9.67 13.52
C40 HWP D . 12.83 -8.27 12.95
C41 HWP D . 12.06 -7.24 13.76
C42 HWP D . 12.26 -5.87 13.09
C43 HWP D . 11.37 -4.87 13.79
C44 HWP D . 11.79 -3.47 13.42
C45 HWP D . 11.11 -2.56 14.43
C46 HWP D . 11.74 -1.18 14.37
C47 HWP D . 11.26 -0.43 15.60
O48 HWP D . 12.27 -17.32 11.42
C10 HWP E . 9.24 -10.38 16.91
C13 HWP E . 9.52 -13.81 15.39
C15 HWP E . 10.00 -16.14 14.74
C20 HWP E . 9.33 -19.67 18.01
C26 HWP E . 11.79 -21.81 15.40
P22 HWP E . 9.35 -22.07 16.75
C1 HWP E . 6.23 -0.74 20.85
C2 HWP E . 7.25 -1.65 20.18
C3 HWP E . 6.50 -2.76 19.40
C4 HWP E . 7.54 -3.75 18.92
C5 HWP E . 6.93 -4.91 18.19
C6 HWP E . 8.08 -5.87 17.93
C7 HWP E . 7.59 -7.09 17.24
C8 HWP E . 8.71 -8.08 17.31
C9 HWP E . 8.37 -9.24 16.48
C11 HWP E . 9.02 -11.50 15.91
C12 HWP E . 9.62 -12.76 16.47
C14 HWP E . 9.86 -15.18 15.92
C16 HWP E . 10.18 -17.53 15.32
O17 HWP E . 10.55 -18.48 14.63
N18 HWP E . 9.90 -17.69 16.66
C19 HWP E . 8.78 -18.47 17.19
O21 HWP E . 9.96 -20.52 17.13
O23 HWP E . 8.37 -21.97 15.65
O24 HWP E . 9.04 -22.81 17.99
O25 HWP E . 10.91 -22.55 16.11
C27 HWP E . 12.14 -22.54 14.07
N28 HWP E . 12.96 -21.69 13.09
C29 HWP E . 13.15 -22.46 11.81
C30 HWP E . 14.32 -21.37 13.70
C31 HWP E . 12.23 -20.41 12.78
C32 HWP E . 7.94 -17.58 18.12
C33 HWP E . 8.80 -16.89 19.14
C34 HWP E . 8.20 -15.83 19.59
C35 HWP E . 8.88 -15.00 20.61
C36 HWP E . 7.84 -13.93 20.86
C37 HWP E . 8.20 -13.08 22.04
C38 HWP E . 7.16 -11.99 22.15
C39 HWP E . 7.58 -11.00 23.23
C40 HWP E . 6.86 -9.69 22.92
C41 HWP E . 7.65 -8.57 23.60
C42 HWP E . 7.29 -7.24 22.94
C43 HWP E . 8.31 -6.20 23.43
C44 HWP E . 8.11 -4.88 22.69
O48 HWP E . 7.17 -16.69 17.37
C10 HWP F . 17.27 5.30 5.76
C13 HWP F . 20.00 7.37 6.00
C15 HWP F . 20.84 9.31 6.70
C20 HWP F . 19.79 13.32 7.81
C26 HWP F . 22.43 16.21 8.77
P22 HWP F . 19.81 15.47 9.44
C3 HWP F . 23.79 2.75 1.43
C4 HWP F . 22.45 2.15 1.90
C5 HWP F . 21.60 3.24 2.57
C6 HWP F . 20.47 2.60 3.36
C7 HWP F . 19.41 3.65 3.49
C8 HWP F . 18.52 3.47 4.72
C9 HWP F . 17.53 4.56 4.52
C11 HWP F . 18.05 6.44 5.19
C12 HWP F . 18.47 7.45 6.14
C14 HWP F . 20.51 8.65 5.42
C16 HWP F . 21.90 10.39 6.67
O17 HWP F . 23.08 10.10 6.49
N18 HWP F . 21.49 11.71 6.89
C19 HWP F . 20.95 12.32 8.17
O21 HWP F . 19.33 13.91 8.97
O23 HWP F . 19.02 16.48 8.68
O24 HWP F . 19.90 15.55 10.91
O25 HWP F . 21.43 15.32 8.75
C27 HWP F . 21.99 17.51 8.06
N28 HWP F . 22.92 18.71 8.31
C29 HWP F . 24.32 18.35 7.90
C30 HWP F . 22.88 19.09 9.78
C31 HWP F . 22.44 19.89 7.48
C32 HWP F . 20.38 11.24 9.18
C33 HWP F . 21.31 11.07 10.32
C34 HWP F . 21.71 9.86 10.67
C35 HWP F . 21.21 8.72 9.88
C36 HWP F . 21.64 7.46 10.55
C37 HWP F . 21.52 6.39 9.53
C38 HWP F . 21.71 5.05 10.18
C39 HWP F . 21.82 4.08 9.04
C40 HWP F . 21.37 2.73 9.52
C41 HWP F . 21.68 1.74 8.42
C42 HWP F . 20.86 0.48 8.63
C43 HWP F . 21.31 -0.53 7.59
C44 HWP F . 20.32 -1.67 7.50
O48 HWP F . 19.08 11.57 9.56
C10 HWP G . 12.89 6.04 11.75
C13 HWP G . 14.80 9.35 11.19
C15 HWP G . 16.59 10.95 11.95
C20 HWP G . 16.87 10.56 16.68
C26 HWP G . 15.58 14.75 15.57
P22 HWP G . 15.66 12.80 17.60
C3 HWP G . 8.10 2.26 17.79
C4 HWP G . 9.13 2.03 16.67
C5 HWP G . 9.04 3.17 15.66
C6 HWP G . 10.18 3.07 14.63
C7 HWP G . 10.18 4.35 13.82
C8 HWP G . 11.44 4.43 12.96
C9 HWP G . 11.53 5.82 12.39
C11 HWP G . 13.06 7.55 11.45
C12 HWP G . 14.53 7.84 11.13
C14 HWP G . 16.31 9.53 11.43
C16 HWP G . 17.76 10.82 12.92
O17 HWP G . 18.91 10.56 12.53
N18 HWP G . 17.47 10.98 14.27
C19 HWP G . 17.51 9.95 15.35
O21 HWP G . 16.28 11.78 16.39
O23 HWP G . 16.78 13.43 18.34
O24 HWP G . 14.58 12.10 18.33
O25 HWP G . 14.95 13.94 16.45
C27 HWP G . 15.52 14.10 14.15
N28 HWP G . 14.79 14.96 13.10
C29 HWP G . 13.53 15.54 13.69
C30 HWP G . 14.43 14.09 11.91
C31 HWP G . 15.70 16.08 12.63
C32 HWP G . 16.69 8.67 14.97
C33 HWP G . 17.49 7.79 14.06
C34 HWP G . 18.77 7.67 14.28
C35 HWP G . 19.39 6.74 13.28
C36 HWP G . 18.46 5.53 13.21
C37 HWP G . 18.60 4.85 11.87
C38 HWP G . 17.60 3.71 11.81
C39 HWP G . 17.63 3.09 10.41
C40 HWP G . 16.79 1.79 10.46
C41 HWP G . 16.93 1.06 9.12
C42 HWP G . 16.37 -0.35 9.28
O48 HWP G . 16.24 8.02 16.12
C10 HWP H . 7.42 3.70 24.94
C13 HWP H . 6.72 7.03 23.17
C15 HWP H . 7.13 9.19 21.91
C20 HWP H . 10.95 11.17 20.07
C26 HWP H . 11.91 15.00 21.70
P22 HWP H . 9.74 13.41 20.94
C4 HWP H . 8.57 -3.35 26.50
C5 HWP H . 7.46 -2.31 26.29
C6 HWP H . 8.06 -0.90 26.41
C7 HWP H . 6.98 0.15 26.14
C8 HWP H . 7.65 1.49 25.93
C9 HWP H . 6.64 2.55 25.53
C11 HWP H . 6.50 4.82 24.42
C12 HWP H . 7.42 5.73 23.59
C14 HWP H . 7.75 7.84 22.34
C16 HWP H . 7.98 9.83 20.79
O17 HWP H . 7.53 10.77 20.13
N18 HWP H . 9.27 9.33 20.52
C19 HWP H . 10.22 9.89 19.50
O21 HWP H . 10.10 11.75 20.97
O23 HWP H . 8.69 13.69 21.95
O24 HWP H . 9.59 13.88 19.54
O25 HWP H . 11.34 13.79 21.56
C27 HWP H . 10.80 16.09 21.72
N28 HWP H . 10.50 16.65 23.11
C29 HWP H . 9.25 17.49 23.05
C30 HWP H . 11.67 17.51 23.57
C31 HWP H . 10.29 15.53 24.09
C32 HWP H . 11.30 8.87 19.03
C33 HWP H . 10.78 8.30 17.73
C34 HWP H . 11.45 7.43 17.00
C35 HWP H . 12.82 6.95 17.38
C36 HWP H . 12.78 5.45 17.57
C37 HWP H . 13.82 4.90 16.62
C38 HWP H . 14.04 3.43 16.86
C39 HWP H . 14.27 2.81 15.48
C40 HWP H . 15.23 1.60 15.56
C41 HWP H . 14.99 0.74 14.32
C42 HWP H . 16.18 -0.20 14.09
C43 HWP H . 15.73 -1.28 13.08
C44 HWP H . 16.97 -2.07 12.65
O48 HWP H . 12.53 9.53 18.93
C1 CLR I . 15.19 -5.16 -3.51
C2 CLR I . 15.73 -6.27 -4.41
C3 CLR I . 15.39 -5.99 -5.86
C4 CLR I . 15.89 -4.61 -6.28
C5 CLR I . 15.43 -3.52 -5.35
C6 CLR I . 14.70 -2.50 -5.81
C7 CLR I . 14.27 -1.35 -4.98
C8 CLR I . 15.01 -1.31 -3.65
C9 CLR I . 14.97 -2.70 -3.00
C10 CLR I . 15.71 -3.75 -3.88
C11 CLR I . 15.47 -2.70 -1.55
C12 CLR I . 14.97 -1.53 -0.70
C13 CLR I . 15.22 -0.19 -1.39
C14 CLR I . 14.44 -0.26 -2.72
C15 CLR I . 14.34 1.17 -3.21
C16 CLR I . 14.24 2.00 -1.91
C17 CLR I . 14.60 1.06 -0.73
C18 CLR I . 16.71 0.05 -1.61
C19 CLR I . 17.23 -3.69 -3.65
C20 CLR I . 15.43 1.74 0.36
C21 CLR I . 15.20 1.13 1.74
C22 CLR I . 15.16 3.25 0.39
C23 CLR I . 15.67 3.96 1.63
C24 CLR I . 14.65 4.90 2.25
C25 CLR I . 14.82 6.37 1.86
C26 CLR I . 16.31 6.72 1.73
C27 CLR I . 14.08 6.73 0.58
O1 CLR I . 15.96 -7.01 -6.65
#